data_5L7H
#
_entry.id   5L7H
#
_cell.length_a   48.670
_cell.length_b   77.890
_cell.length_c   78.620
_cell.angle_alpha   90.00
_cell.angle_beta   90.00
_cell.angle_gamma   90.00
#
_symmetry.space_group_name_H-M   'P 21 21 21'
#
loop_
_entity.id
_entity.type
_entity.pdbx_description
1 polymer 'Mineralocorticoid receptor'
2 polymer 'NCOA1 peptide'
3 non-polymer 3-methyl-5,8-dioxa-17lambda-thia-4,18-diazatetracyclo[18.2.2.1,.0]pentacosa-1(22),2(6),3,9,11,13(25),20,23-octaene-17,17-dione
4 non-polymer '2-[N-CYCLOHEXYLAMINO]ETHANE SULFONIC ACID'
5 water water
#
loop_
_entity_poly.entity_id
_entity_poly.type
_entity_poly.pdbx_seq_one_letter_code
_entity_poly.pdbx_strand_id
1 'polypeptide(L)'
;MHNHNHNHNHNHNGGENLYFQGTPSPVMVLENIEPEIVYAGYDSSKPDTAENLLSTLNRLAGKQMIQVVKWAKVLPGFKN
LPLEDQITLIQYSWMSLLSFALSWRSYKHTNSQFLYFAPDLVFNEEKMHQSAMYELCQGMHQISLQFVRLQLTFEEYTIM
KVLLLLSTIPKDGLKSQAAFEEMRTNYIKELRKMVTKSPNNSGQSWQRFYQLTKLLDSMHDLVSDLLEFCFYTFRESHAL
KVEFPAMLVEIISDQLPKVESGNAKPLYFHRKGGSLVPRGSGGGSGGSGGPQAQQKSLLQQLLTE
;
A
2 'polypeptide(L)' KSLLQQLLTE B
#
# COMPACT_ATOMS: atom_id res chain seq x y z
N TYR A 19 -13.86 18.18 12.42
CA TYR A 19 -12.78 17.91 11.48
C TYR A 19 -13.27 17.82 10.03
N PHE A 20 -14.40 17.11 9.80
CA PHE A 20 -15.00 16.93 8.49
C PHE A 20 -16.23 17.84 8.37
N SER A 25 -19.63 13.62 2.74
CA SER A 25 -19.20 12.37 3.38
C SER A 25 -17.76 12.02 2.96
N PRO A 26 -16.78 11.99 3.90
CA PRO A 26 -15.39 11.68 3.51
C PRO A 26 -15.21 10.34 2.80
N VAL A 27 -15.99 9.30 3.19
CA VAL A 27 -15.93 7.98 2.53
C VAL A 27 -16.43 8.06 1.08
N MET A 28 -17.46 8.87 0.80
N MET A 28 -17.47 8.89 0.82
CA MET A 28 -17.92 8.99 -0.59
CA MET A 28 -18.02 9.11 -0.53
C MET A 28 -16.86 9.68 -1.46
C MET A 28 -16.93 9.71 -1.43
N VAL A 29 -16.11 10.63 -0.87
CA VAL A 29 -15.00 11.27 -1.60
C VAL A 29 -13.95 10.18 -1.95
N LEU A 30 -13.61 9.33 -0.95
CA LEU A 30 -12.64 8.25 -1.13
C LEU A 30 -13.04 7.35 -2.32
N GLU A 31 -14.33 6.97 -2.37
CA GLU A 31 -14.82 6.13 -3.45
C GLU A 31 -14.61 6.78 -4.81
N ASN A 32 -14.80 8.12 -4.91
CA ASN A 32 -14.66 8.82 -6.19
C ASN A 32 -13.23 9.15 -6.60
N ILE A 33 -12.30 9.24 -5.65
CA ILE A 33 -10.91 9.60 -5.98
C ILE A 33 -10.00 8.37 -6.14
N GLU A 34 -10.58 7.17 -6.06
CA GLU A 34 -9.80 5.94 -6.19
C GLU A 34 -9.15 5.90 -7.58
N PRO A 35 -7.81 5.75 -7.65
CA PRO A 35 -7.16 5.77 -8.97
C PRO A 35 -7.69 4.67 -9.88
N GLU A 36 -7.74 4.94 -11.17
CA GLU A 36 -8.17 3.97 -12.16
C GLU A 36 -7.06 2.91 -12.32
N ILE A 37 -7.43 1.68 -12.68
CA ILE A 37 -6.47 0.59 -12.91
C ILE A 37 -5.55 0.95 -14.11
N VAL A 38 -4.26 0.63 -14.01
CA VAL A 38 -3.27 0.90 -15.05
C VAL A 38 -2.65 -0.42 -15.55
N TYR A 39 -2.14 -0.41 -16.79
CA TYR A 39 -1.52 -1.59 -17.36
C TYR A 39 -0.07 -1.69 -16.93
N ALA A 40 0.44 -2.92 -16.89
CA ALA A 40 1.84 -3.15 -16.53
C ALA A 40 2.76 -2.90 -17.71
N GLY A 41 2.29 -3.17 -18.92
CA GLY A 41 3.10 -3.07 -20.13
C GLY A 41 3.98 -4.30 -20.22
N TYR A 42 3.43 -5.43 -19.81
CA TYR A 42 4.10 -6.72 -19.77
C TYR A 42 4.27 -7.28 -21.19
N ASP A 43 5.52 -7.64 -21.54
CA ASP A 43 5.86 -8.20 -22.85
C ASP A 43 5.93 -9.73 -22.74
N SER A 44 4.82 -10.40 -23.07
CA SER A 44 4.72 -11.87 -23.01
C SER A 44 5.54 -12.59 -24.09
N SER A 45 6.14 -11.85 -25.02
CA SER A 45 7.03 -12.42 -26.05
C SER A 45 8.43 -12.61 -25.48
N LYS A 46 8.83 -11.77 -24.50
CA LYS A 46 10.13 -11.83 -23.83
C LYS A 46 10.18 -13.01 -22.84
N PRO A 47 11.35 -13.67 -22.62
CA PRO A 47 11.37 -14.83 -21.70
C PRO A 47 10.99 -14.45 -20.29
N ASP A 48 10.18 -15.28 -19.63
CA ASP A 48 9.71 -15.00 -18.27
C ASP A 48 10.73 -15.36 -17.24
N THR A 49 11.82 -14.61 -17.25
CA THR A 49 12.90 -14.76 -16.29
C THR A 49 12.48 -13.93 -15.08
N ALA A 50 13.14 -14.13 -13.93
CA ALA A 50 12.89 -13.39 -12.71
C ALA A 50 13.19 -11.91 -12.96
N GLU A 51 14.29 -11.61 -13.69
CA GLU A 51 14.66 -10.22 -14.01
C GLU A 51 13.65 -9.50 -14.88
N ASN A 52 13.06 -10.17 -15.88
CA ASN A 52 12.06 -9.53 -16.76
C ASN A 52 10.75 -9.27 -16.01
N LEU A 53 10.28 -10.28 -15.25
CA LEU A 53 9.04 -10.13 -14.45
C LEU A 53 9.24 -9.05 -13.38
N LEU A 54 10.39 -9.04 -12.67
CA LEU A 54 10.63 -8.03 -11.64
C LEU A 54 10.71 -6.64 -12.22
N SER A 55 11.38 -6.47 -13.39
CA SER A 55 11.50 -5.17 -14.07
C SER A 55 10.12 -4.67 -14.46
N THR A 56 9.24 -5.58 -14.94
CA THR A 56 7.85 -5.22 -15.31
C THR A 56 7.09 -4.77 -14.06
N LEU A 57 7.21 -5.51 -12.96
CA LEU A 57 6.54 -5.16 -11.69
C LEU A 57 7.01 -3.80 -11.18
N ASN A 58 8.33 -3.51 -11.31
CA ASN A 58 8.90 -2.23 -10.89
C ASN A 58 8.37 -1.07 -11.72
N ARG A 59 8.29 -1.27 -13.04
CA ARG A 59 7.75 -0.25 -13.96
C ARG A 59 6.29 0.01 -13.55
N LEU A 60 5.51 -1.05 -13.31
CA LEU A 60 4.13 -0.90 -12.87
C LEU A 60 4.04 -0.13 -11.52
N ALA A 61 4.89 -0.46 -10.52
CA ALA A 61 4.91 0.22 -9.20
C ALA A 61 5.20 1.72 -9.36
N GLY A 62 6.12 2.07 -10.27
CA GLY A 62 6.46 3.46 -10.53
C GLY A 62 5.24 4.21 -11.02
N LYS A 63 4.52 3.64 -12.00
CA LYS A 63 3.30 4.27 -12.53
C LYS A 63 2.22 4.37 -11.44
N GLN A 64 2.04 3.30 -10.64
CA GLN A 64 1.06 3.33 -9.55
C GLN A 64 1.45 4.34 -8.45
N MET A 65 2.75 4.58 -8.21
CA MET A 65 3.17 5.57 -7.22
C MET A 65 2.82 6.99 -7.66
N ILE A 66 2.82 7.25 -8.98
CA ILE A 66 2.37 8.55 -9.48
C ILE A 66 0.89 8.69 -9.15
N GLN A 67 0.10 7.63 -9.35
CA GLN A 67 -1.33 7.67 -8.99
C GLN A 67 -1.54 7.86 -7.48
N VAL A 68 -0.71 7.19 -6.67
CA VAL A 68 -0.81 7.34 -5.21
C VAL A 68 -0.60 8.80 -4.80
N VAL A 69 0.40 9.46 -5.36
CA VAL A 69 0.66 10.87 -5.01
C VAL A 69 -0.52 11.77 -5.42
N LYS A 70 -1.08 11.56 -6.62
CA LYS A 70 -2.22 12.34 -7.10
C LYS A 70 -3.46 12.12 -6.22
N TRP A 71 -3.65 10.87 -5.75
CA TRP A 71 -4.74 10.49 -4.85
C TRP A 71 -4.55 11.16 -3.48
N ALA A 72 -3.34 11.06 -2.90
CA ALA A 72 -3.04 11.66 -1.59
C ALA A 72 -3.26 13.17 -1.62
N LYS A 73 -2.92 13.83 -2.73
CA LYS A 73 -3.12 15.28 -2.86
C LYS A 73 -4.58 15.71 -2.61
N VAL A 74 -5.58 14.89 -3.03
CA VAL A 74 -7.00 15.21 -2.92
C VAL A 74 -7.71 14.43 -1.81
N LEU A 75 -6.93 13.78 -0.95
CA LEU A 75 -7.44 13.00 0.17
C LEU A 75 -7.90 13.96 1.26
N PRO A 76 -9.17 13.93 1.70
CA PRO A 76 -9.60 14.92 2.74
C PRO A 76 -8.71 14.92 3.98
N GLY A 77 -8.18 16.08 4.27
CA GLY A 77 -7.30 16.33 5.42
C GLY A 77 -5.81 16.26 5.14
N PHE A 78 -5.40 15.60 4.01
CA PHE A 78 -3.97 15.40 3.74
C PHE A 78 -3.20 16.70 3.53
N LYS A 79 -3.81 17.67 2.80
CA LYS A 79 -3.29 19.02 2.55
C LYS A 79 -2.95 19.82 3.81
N ASN A 80 -3.63 19.54 4.94
CA ASN A 80 -3.39 20.22 6.23
C ASN A 80 -2.02 19.86 6.78
N LEU A 81 -1.49 18.67 6.40
CA LEU A 81 -0.19 18.27 6.89
C LEU A 81 0.90 19.00 6.13
N PRO A 82 2.01 19.38 6.80
CA PRO A 82 3.10 20.05 6.06
C PRO A 82 3.68 19.14 4.99
N LEU A 83 4.21 19.78 3.93
CA LEU A 83 4.82 19.09 2.77
C LEU A 83 5.81 18.01 3.19
N GLU A 84 6.74 18.33 4.13
CA GLU A 84 7.74 17.38 4.61
C GLU A 84 7.07 16.11 5.19
N ASP A 85 5.96 16.27 5.94
CA ASP A 85 5.23 15.14 6.53
C ASP A 85 4.49 14.33 5.46
N GLN A 86 3.96 15.00 4.42
CA GLN A 86 3.24 14.35 3.32
C GLN A 86 4.21 13.40 2.60
N ILE A 87 5.42 13.90 2.35
CA ILE A 87 6.50 13.13 1.71
C ILE A 87 6.89 11.97 2.59
N THR A 88 7.14 12.22 3.90
CA THR A 88 7.52 11.17 4.85
C THR A 88 6.48 10.00 4.80
N LEU A 89 5.19 10.35 4.92
CA LEU A 89 4.08 9.36 4.96
C LEU A 89 4.00 8.51 3.68
N ILE A 90 4.14 9.14 2.51
CA ILE A 90 4.15 8.43 1.23
C ILE A 90 5.34 7.48 1.14
N GLN A 91 6.54 7.97 1.53
CA GLN A 91 7.79 7.19 1.49
C GLN A 91 7.77 5.99 2.44
N TYR A 92 7.22 6.13 3.65
CA TYR A 92 7.15 5.00 4.56
C TYR A 92 6.06 3.98 4.19
N SER A 93 4.94 4.45 3.64
CA SER A 93 3.80 3.58 3.40
C SER A 93 3.64 3.00 1.98
N TRP A 94 4.47 3.42 1.02
CA TRP A 94 4.33 3.06 -0.41
C TRP A 94 4.08 1.54 -0.63
N MET A 95 4.89 0.65 -0.01
CA MET A 95 4.73 -0.79 -0.18
C MET A 95 3.40 -1.27 0.38
N SER A 96 2.97 -0.71 1.53
N SER A 96 2.99 -0.72 1.54
CA SER A 96 1.71 -1.07 2.17
CA SER A 96 1.73 -1.10 2.17
C SER A 96 0.55 -0.76 1.25
C SER A 96 0.54 -0.74 1.28
N LEU A 97 0.56 0.45 0.66
CA LEU A 97 -0.52 0.91 -0.21
C LEU A 97 -0.59 0.08 -1.47
N LEU A 98 0.58 -0.18 -2.09
CA LEU A 98 0.61 -0.99 -3.31
C LEU A 98 0.12 -2.44 -3.04
N SER A 99 0.58 -3.07 -1.93
N SER A 99 0.57 -3.06 -1.93
CA SER A 99 0.21 -4.45 -1.57
CA SER A 99 0.18 -4.43 -1.56
C SER A 99 -1.28 -4.57 -1.20
C SER A 99 -1.31 -4.52 -1.26
N PHE A 100 -1.83 -3.58 -0.47
CA PHE A 100 -3.24 -3.56 -0.12
C PHE A 100 -4.11 -3.42 -1.37
N ALA A 101 -3.72 -2.53 -2.32
CA ALA A 101 -4.48 -2.36 -3.58
C ALA A 101 -4.42 -3.63 -4.45
N LEU A 102 -3.27 -4.29 -4.45
CA LEU A 102 -3.10 -5.54 -5.20
C LEU A 102 -4.06 -6.59 -4.60
N SER A 103 -4.16 -6.66 -3.26
CA SER A 103 -5.07 -7.62 -2.60
C SER A 103 -6.51 -7.32 -3.00
N TRP A 104 -6.87 -6.02 -3.08
CA TRP A 104 -8.22 -5.61 -3.47
C TRP A 104 -8.50 -6.01 -4.93
N ARG A 105 -7.60 -5.69 -5.85
CA ARG A 105 -7.79 -6.06 -7.26
C ARG A 105 -7.91 -7.60 -7.42
N SER A 106 -7.11 -8.36 -6.67
CA SER A 106 -7.11 -9.83 -6.68
C SER A 106 -8.46 -10.39 -6.23
N TYR A 107 -8.99 -9.79 -5.19
CA TYR A 107 -10.28 -10.13 -4.61
C TYR A 107 -11.38 -9.75 -5.57
N LYS A 108 -11.43 -8.49 -5.98
CA LYS A 108 -12.49 -8.00 -6.87
C LYS A 108 -12.53 -8.70 -8.24
N HIS A 109 -11.38 -8.86 -8.87
CA HIS A 109 -11.33 -9.38 -10.24
C HIS A 109 -11.17 -10.89 -10.38
N THR A 110 -10.67 -11.59 -9.34
CA THR A 110 -10.45 -13.03 -9.50
C THR A 110 -11.03 -13.85 -8.36
N ASN A 111 -11.76 -13.20 -7.42
CA ASN A 111 -12.23 -13.80 -6.16
C ASN A 111 -11.03 -14.37 -5.37
N SER A 112 -9.88 -13.66 -5.46
CA SER A 112 -8.61 -13.99 -4.80
C SER A 112 -8.00 -15.32 -5.21
N GLN A 113 -8.27 -15.76 -6.43
CA GLN A 113 -7.66 -16.98 -6.95
C GLN A 113 -6.24 -16.67 -7.44
N PHE A 114 -6.04 -15.46 -7.99
CA PHE A 114 -4.75 -15.02 -8.54
C PHE A 114 -4.32 -13.66 -8.00
N LEU A 115 -3.07 -13.26 -8.28
CA LEU A 115 -2.58 -11.92 -7.90
C LEU A 115 -2.75 -11.04 -9.14
N TYR A 116 -3.77 -10.15 -9.08
CA TYR A 116 -4.14 -9.31 -10.21
C TYR A 116 -3.29 -8.01 -10.18
N PHE A 117 -2.03 -8.10 -10.64
CA PHE A 117 -1.18 -6.90 -10.63
C PHE A 117 -1.76 -5.83 -11.56
N ALA A 118 -2.24 -6.25 -12.73
CA ALA A 118 -2.83 -5.37 -13.74
C ALA A 118 -3.63 -6.26 -14.71
N PRO A 119 -4.53 -5.70 -15.55
CA PRO A 119 -5.26 -6.56 -16.50
C PRO A 119 -4.36 -7.41 -17.41
N ASP A 120 -3.17 -6.90 -17.76
CA ASP A 120 -2.18 -7.56 -18.63
C ASP A 120 -1.13 -8.33 -17.82
N LEU A 121 -1.27 -8.41 -16.47
CA LEU A 121 -0.28 -9.14 -15.64
C LEU A 121 -0.92 -9.75 -14.42
N VAL A 122 -1.37 -10.99 -14.57
CA VAL A 122 -2.09 -11.73 -13.51
C VAL A 122 -1.22 -12.92 -13.14
N PHE A 123 -0.82 -13.03 -11.88
CA PHE A 123 0.09 -14.09 -11.48
C PHE A 123 -0.63 -15.34 -11.08
N ASN A 124 -0.29 -16.44 -11.73
CA ASN A 124 -0.75 -17.79 -11.37
C ASN A 124 0.48 -18.40 -10.66
N GLU A 125 0.41 -19.68 -10.26
CA GLU A 125 1.51 -20.39 -9.61
C GLU A 125 2.78 -20.30 -10.46
N GLU A 126 2.68 -20.45 -11.79
CA GLU A 126 3.83 -20.40 -12.70
C GLU A 126 4.61 -19.09 -12.56
N LYS A 127 3.92 -17.94 -12.63
CA LYS A 127 4.54 -16.62 -12.50
C LYS A 127 5.13 -16.35 -11.10
N MET A 128 4.48 -16.83 -10.04
CA MET A 128 4.98 -16.73 -8.67
C MET A 128 6.35 -17.43 -8.54
N HIS A 129 6.49 -18.63 -9.16
CA HIS A 129 7.77 -19.35 -9.17
C HIS A 129 8.79 -18.65 -10.04
N GLN A 130 8.40 -18.25 -11.27
CA GLN A 130 9.29 -17.59 -12.24
C GLN A 130 9.85 -16.27 -11.74
N SER A 131 9.07 -15.52 -10.93
CA SER A 131 9.50 -14.21 -10.39
C SER A 131 10.52 -14.36 -9.27
N ALA A 132 10.78 -15.61 -8.81
CA ALA A 132 11.69 -15.98 -7.70
C ALA A 132 11.18 -15.40 -6.37
N MET A 133 9.86 -15.13 -6.29
CA MET A 133 9.22 -14.55 -5.11
C MET A 133 8.03 -15.38 -4.62
N TYR A 134 8.05 -16.70 -4.85
CA TYR A 134 6.94 -17.59 -4.51
C TYR A 134 6.37 -17.41 -3.08
N GLU A 135 7.23 -17.48 -2.05
CA GLU A 135 6.76 -17.36 -0.66
C GLU A 135 6.19 -15.98 -0.31
N LEU A 136 6.73 -14.88 -0.88
CA LEU A 136 6.18 -13.53 -0.66
C LEU A 136 4.81 -13.39 -1.33
N CYS A 137 4.68 -13.92 -2.56
CA CYS A 137 3.42 -13.90 -3.31
C CYS A 137 2.33 -14.67 -2.51
N GLN A 138 2.71 -15.80 -1.90
CA GLN A 138 1.79 -16.62 -1.07
C GLN A 138 1.31 -15.82 0.14
N GLY A 139 2.23 -15.09 0.79
CA GLY A 139 1.93 -14.23 1.92
C GLY A 139 0.90 -13.17 1.55
N MET A 140 1.04 -12.60 0.34
CA MET A 140 0.13 -11.62 -0.22
C MET A 140 -1.22 -12.24 -0.55
N HIS A 141 -1.18 -13.44 -1.17
CA HIS A 141 -2.38 -14.18 -1.56
C HIS A 141 -3.24 -14.43 -0.31
N GLN A 142 -2.59 -14.65 0.87
CA GLN A 142 -3.28 -14.86 2.15
C GLN A 142 -4.08 -13.64 2.60
N ILE A 143 -3.59 -12.41 2.32
CA ILE A 143 -4.36 -11.19 2.62
C ILE A 143 -5.61 -11.14 1.72
N SER A 144 -5.47 -11.39 0.40
CA SER A 144 -6.63 -11.37 -0.49
C SER A 144 -7.67 -12.46 -0.10
N LEU A 145 -7.20 -13.59 0.46
CA LEU A 145 -8.10 -14.63 0.95
C LEU A 145 -8.89 -14.17 2.18
N GLN A 146 -8.28 -13.27 3.00
CA GLN A 146 -8.95 -12.69 4.17
C GLN A 146 -10.05 -11.75 3.71
N PHE A 147 -9.85 -11.08 2.54
CA PHE A 147 -10.90 -10.21 1.98
C PHE A 147 -12.12 -11.04 1.66
N VAL A 148 -11.92 -12.26 1.08
CA VAL A 148 -13.01 -13.19 0.73
C VAL A 148 -13.75 -13.64 2.02
N ARG A 149 -13.00 -14.06 3.04
CA ARG A 149 -13.51 -14.50 4.34
C ARG A 149 -14.37 -13.42 4.98
N LEU A 150 -13.88 -12.17 4.96
CA LEU A 150 -14.58 -11.05 5.57
C LEU A 150 -15.64 -10.42 4.71
N GLN A 151 -15.63 -10.70 3.39
CA GLN A 151 -16.51 -10.07 2.41
C GLN A 151 -16.31 -8.55 2.52
N LEU A 152 -15.01 -8.15 2.52
CA LEU A 152 -14.63 -6.75 2.62
C LEU A 152 -15.36 -5.91 1.59
N THR A 153 -15.87 -4.78 2.02
CA THR A 153 -16.60 -3.88 1.12
C THR A 153 -15.65 -2.85 0.56
N PHE A 154 -16.07 -2.21 -0.53
CA PHE A 154 -15.27 -1.13 -1.15
C PHE A 154 -15.13 0.05 -0.19
N GLU A 155 -16.21 0.38 0.56
CA GLU A 155 -16.20 1.48 1.56
C GLU A 155 -15.15 1.22 2.65
N GLU A 156 -15.12 -0.02 3.17
CA GLU A 156 -14.15 -0.45 4.19
C GLU A 156 -12.75 -0.38 3.63
N TYR A 157 -12.56 -0.92 2.42
CA TYR A 157 -11.26 -0.93 1.76
C TYR A 157 -10.69 0.50 1.63
N THR A 158 -11.48 1.45 1.10
CA THR A 158 -10.98 2.83 0.90
C THR A 158 -10.53 3.48 2.20
N ILE A 159 -11.28 3.30 3.31
CA ILE A 159 -10.91 3.88 4.60
C ILE A 159 -9.65 3.23 5.10
N MET A 160 -9.58 1.88 5.01
CA MET A 160 -8.39 1.12 5.45
C MET A 160 -7.12 1.54 4.69
N LYS A 161 -7.25 1.84 3.39
CA LYS A 161 -6.10 2.26 2.59
C LYS A 161 -5.57 3.60 3.11
N VAL A 162 -6.46 4.52 3.51
CA VAL A 162 -6.04 5.81 4.12
C VAL A 162 -5.33 5.49 5.42
N LEU A 163 -5.88 4.55 6.22
CA LEU A 163 -5.19 4.20 7.47
C LEU A 163 -3.80 3.63 7.23
N LEU A 164 -3.59 2.91 6.13
CA LEU A 164 -2.25 2.42 5.81
C LEU A 164 -1.29 3.57 5.46
N LEU A 165 -1.77 4.57 4.70
CA LEU A 165 -0.96 5.77 4.40
C LEU A 165 -0.49 6.44 5.72
N LEU A 166 -1.28 6.29 6.78
CA LEU A 166 -0.98 6.91 8.07
C LEU A 166 -0.50 5.87 9.15
N SER A 167 0.08 4.74 8.70
N SER A 167 0.08 4.74 8.70
CA SER A 167 0.46 3.68 9.64
CA SER A 167 0.45 3.67 9.62
C SER A 167 1.93 3.56 9.98
C SER A 167 1.92 3.56 9.99
N THR A 168 2.79 4.39 9.38
CA THR A 168 4.25 4.34 9.66
C THR A 168 4.77 5.74 9.73
N ILE A 169 5.44 6.08 10.86
CA ILE A 169 6.00 7.42 11.06
C ILE A 169 7.45 7.36 11.50
N PRO A 170 8.18 8.50 11.53
CA PRO A 170 9.56 8.44 12.06
C PRO A 170 9.53 8.16 13.55
N LYS A 171 10.60 7.57 14.06
CA LYS A 171 10.75 7.24 15.48
C LYS A 171 10.57 8.51 16.32
N ASP A 172 11.13 9.63 15.86
CA ASP A 172 11.02 10.91 16.57
C ASP A 172 9.76 11.70 16.18
N GLY A 173 8.84 11.06 15.44
CA GLY A 173 7.58 11.64 15.04
C GLY A 173 7.66 12.62 13.88
N LEU A 174 6.52 13.12 13.45
CA LEU A 174 6.40 14.06 12.34
C LEU A 174 6.64 15.52 12.74
N LYS A 175 6.80 16.43 11.77
CA LYS A 175 6.96 17.87 12.05
C LYS A 175 5.70 18.40 12.76
N SER A 176 4.53 17.99 12.26
CA SER A 176 3.24 18.35 12.83
C SER A 176 2.54 17.08 13.31
N GLN A 177 3.04 16.52 14.43
CA GLN A 177 2.52 15.29 15.02
C GLN A 177 1.04 15.40 15.40
N ALA A 178 0.62 16.55 15.99
CA ALA A 178 -0.77 16.76 16.42
C ALA A 178 -1.75 16.76 15.25
N ALA A 179 -1.38 17.43 14.14
CA ALA A 179 -2.18 17.46 12.91
C ALA A 179 -2.29 16.03 12.34
N PHE A 180 -1.19 15.25 12.33
CA PHE A 180 -1.18 13.87 11.86
C PHE A 180 -2.16 13.03 12.69
N GLU A 181 -2.01 13.08 14.04
CA GLU A 181 -2.86 12.32 14.94
C GLU A 181 -4.34 12.67 14.80
N GLU A 182 -4.66 13.93 14.53
CA GLU A 182 -6.05 14.35 14.30
C GLU A 182 -6.60 13.68 13.04
N MET A 183 -5.85 13.71 11.93
CA MET A 183 -6.30 13.09 10.68
C MET A 183 -6.45 11.59 10.88
N ARG A 184 -5.45 10.92 11.49
N ARG A 184 -5.45 10.91 11.50
CA ARG A 184 -5.53 9.48 11.75
CA ARG A 184 -5.52 9.47 11.76
C ARG A 184 -6.76 9.08 12.60
C ARG A 184 -6.76 9.08 12.60
N THR A 185 -6.99 9.81 13.72
CA THR A 185 -8.12 9.58 14.63
C THR A 185 -9.45 9.69 13.89
N ASN A 186 -9.58 10.69 13.03
CA ASN A 186 -10.80 10.91 12.29
C ASN A 186 -11.08 9.79 11.27
N TYR A 187 -10.02 9.22 10.62
CA TYR A 187 -10.28 8.10 9.74
C TYR A 187 -10.60 6.81 10.52
N ILE A 188 -10.04 6.66 11.75
CA ILE A 188 -10.40 5.50 12.59
C ILE A 188 -11.92 5.61 12.94
N LYS A 189 -12.38 6.83 13.28
CA LYS A 189 -13.81 7.10 13.56
C LYS A 189 -14.67 6.75 12.35
N GLU A 190 -14.19 7.08 11.13
CA GLU A 190 -14.92 6.75 9.90
C GLU A 190 -15.03 5.25 9.69
N LEU A 191 -13.94 4.49 9.99
CA LEU A 191 -13.96 3.04 9.85
C LEU A 191 -14.97 2.44 10.83
N ARG A 192 -14.95 2.91 12.09
CA ARG A 192 -15.91 2.43 13.11
C ARG A 192 -17.37 2.73 12.72
N LYS A 193 -17.64 3.89 12.13
CA LYS A 193 -18.98 4.25 11.65
C LYS A 193 -19.40 3.31 10.51
N MET A 194 -18.47 3.05 9.55
CA MET A 194 -18.70 2.20 8.38
C MET A 194 -19.04 0.73 8.72
N VAL A 195 -18.33 0.12 9.71
CA VAL A 195 -18.58 -1.29 10.07
C VAL A 195 -20.01 -1.55 10.58
N THR A 196 -20.69 -0.52 11.16
CA THR A 196 -22.10 -0.63 11.61
C THR A 196 -23.03 -1.09 10.45
N LYS A 197 -22.66 -0.76 9.19
CA LYS A 197 -23.41 -1.12 7.98
C LYS A 197 -23.34 -2.63 7.63
N SER A 198 -22.38 -3.38 8.22
CA SER A 198 -22.24 -4.84 8.02
C SER A 198 -22.29 -5.57 9.40
N PRO A 199 -23.44 -5.56 10.14
CA PRO A 199 -23.46 -6.25 11.44
C PRO A 199 -23.77 -7.75 11.33
N ASN A 200 -23.66 -8.48 12.46
CA ASN A 200 -23.94 -9.92 12.53
C ASN A 200 -25.42 -10.16 12.81
N SER A 202 -27.87 -10.25 15.28
CA SER A 202 -27.55 -9.69 16.60
C SER A 202 -27.38 -8.16 16.56
N GLY A 203 -26.99 -7.63 15.40
CA GLY A 203 -26.82 -6.21 15.17
C GLY A 203 -25.54 -5.59 15.72
N GLN A 204 -24.58 -6.43 16.14
CA GLN A 204 -23.29 -5.99 16.69
C GLN A 204 -22.24 -5.86 15.58
N SER A 205 -21.39 -4.83 15.71
CA SER A 205 -20.34 -4.52 14.74
C SER A 205 -18.94 -4.37 15.37
N TRP A 206 -18.82 -4.42 16.73
CA TRP A 206 -17.51 -4.36 17.39
C TRP A 206 -16.63 -5.47 16.86
N GLN A 207 -17.21 -6.67 16.61
CA GLN A 207 -16.49 -7.83 16.12
C GLN A 207 -15.84 -7.51 14.78
N ARG A 208 -16.60 -6.94 13.85
CA ARG A 208 -16.07 -6.59 12.53
C ARG A 208 -14.97 -5.54 12.61
N PHE A 209 -15.13 -4.51 13.46
CA PHE A 209 -14.10 -3.48 13.67
C PHE A 209 -12.77 -4.11 14.06
N TYR A 210 -12.79 -5.05 15.04
CA TYR A 210 -11.55 -5.71 15.47
C TYR A 210 -11.00 -6.68 14.45
N GLN A 211 -11.83 -7.24 13.57
CA GLN A 211 -11.34 -8.09 12.47
C GLN A 211 -10.58 -7.18 11.46
N LEU A 212 -11.09 -5.97 11.22
CA LEU A 212 -10.43 -5.03 10.28
C LEU A 212 -9.15 -4.44 10.82
N THR A 213 -9.10 -4.10 12.12
CA THR A 213 -7.88 -3.58 12.73
C THR A 213 -6.84 -4.67 12.80
N LYS A 214 -7.26 -5.93 13.08
CA LYS A 214 -6.30 -7.06 13.11
C LYS A 214 -5.71 -7.21 11.67
N LEU A 215 -6.57 -7.10 10.66
CA LEU A 215 -6.11 -7.18 9.26
C LEU A 215 -5.08 -6.09 8.95
N LEU A 216 -5.34 -4.84 9.36
CA LEU A 216 -4.43 -3.71 9.13
C LEU A 216 -3.09 -3.93 9.82
N ASP A 217 -3.12 -4.40 11.08
CA ASP A 217 -1.90 -4.68 11.83
C ASP A 217 -1.04 -5.74 11.14
N SER A 218 -1.68 -6.76 10.58
CA SER A 218 -0.99 -7.87 9.92
C SER A 218 -0.26 -7.43 8.62
N MET A 219 -0.62 -6.24 8.07
CA MET A 219 0.05 -5.70 6.89
C MET A 219 1.51 -5.35 7.22
N HIS A 220 1.80 -4.85 8.43
CA HIS A 220 3.18 -4.49 8.80
C HIS A 220 4.19 -5.64 8.61
N ASP A 221 3.89 -6.86 9.10
CA ASP A 221 4.85 -7.99 8.94
C ASP A 221 5.03 -8.43 7.50
N LEU A 222 3.93 -8.48 6.72
CA LEU A 222 3.99 -8.83 5.31
C LEU A 222 4.85 -7.77 4.57
N VAL A 223 4.56 -6.48 4.81
CA VAL A 223 5.31 -5.38 4.16
C VAL A 223 6.80 -5.40 4.55
N SER A 224 7.13 -5.76 5.82
N SER A 224 7.13 -5.73 5.81
CA SER A 224 8.52 -5.87 6.27
CA SER A 224 8.54 -5.82 6.21
C SER A 224 9.28 -6.87 5.38
C SER A 224 9.32 -6.89 5.40
N ASP A 225 8.64 -8.00 5.05
CA ASP A 225 9.23 -9.06 4.21
C ASP A 225 9.36 -8.58 2.76
N LEU A 226 8.35 -7.85 2.25
CA LEU A 226 8.39 -7.32 0.87
C LEU A 226 9.53 -6.30 0.74
N LEU A 227 9.65 -5.42 1.72
CA LEU A 227 10.70 -4.40 1.75
C LEU A 227 12.08 -5.04 1.86
N GLU A 228 12.24 -6.14 2.64
CA GLU A 228 13.54 -6.82 2.73
C GLU A 228 13.98 -7.31 1.33
N PHE A 229 13.04 -7.89 0.58
CA PHE A 229 13.30 -8.38 -0.76
C PHE A 229 13.60 -7.19 -1.68
N CYS A 230 12.75 -6.14 -1.62
CA CYS A 230 12.91 -4.95 -2.47
C CYS A 230 14.31 -4.34 -2.30
N PHE A 231 14.71 -4.09 -1.05
CA PHE A 231 15.99 -3.47 -0.71
C PHE A 231 17.17 -4.27 -1.21
N TYR A 232 17.07 -5.60 -1.12
CA TYR A 232 18.10 -6.51 -1.59
C TYR A 232 18.25 -6.37 -3.10
N THR A 233 17.13 -6.37 -3.82
CA THR A 233 17.18 -6.24 -5.28
C THR A 233 17.67 -4.89 -5.71
N PHE A 234 17.35 -3.84 -4.93
CA PHE A 234 17.80 -2.48 -5.20
C PHE A 234 19.34 -2.38 -5.06
N ARG A 235 19.87 -2.96 -3.99
CA ARG A 235 21.31 -2.99 -3.68
C ARG A 235 22.13 -3.80 -4.67
N GLU A 236 21.50 -4.71 -5.44
CA GLU A 236 22.17 -5.59 -6.42
C GLU A 236 21.42 -5.61 -7.80
N SER A 237 20.68 -4.53 -8.13
CA SER A 237 19.83 -4.43 -9.33
C SER A 237 20.52 -4.79 -10.65
N HIS A 238 21.71 -4.21 -10.94
CA HIS A 238 22.45 -4.50 -12.16
C HIS A 238 22.98 -5.96 -12.21
N ALA A 239 23.39 -6.51 -11.05
CA ALA A 239 23.90 -7.88 -10.92
C ALA A 239 22.76 -8.89 -11.19
N LEU A 240 21.53 -8.53 -10.79
CA LEU A 240 20.32 -9.34 -10.98
C LEU A 240 19.58 -8.99 -12.29
N LYS A 241 20.00 -7.92 -13.01
CA LYS A 241 19.40 -7.40 -14.28
C LYS A 241 17.98 -6.79 -14.07
N VAL A 242 17.74 -6.23 -12.89
CA VAL A 242 16.44 -5.66 -12.49
C VAL A 242 16.43 -4.14 -12.64
N GLU A 243 15.47 -3.60 -13.38
CA GLU A 243 15.39 -2.17 -13.61
C GLU A 243 14.41 -1.50 -12.63
N PHE A 244 14.74 -0.28 -12.19
CA PHE A 244 13.91 0.54 -11.28
C PHE A 244 13.60 1.87 -11.93
N PRO A 245 12.29 2.25 -12.02
CA PRO A 245 11.95 3.57 -12.55
C PRO A 245 12.38 4.67 -11.57
N ALA A 246 12.55 5.90 -12.07
CA ALA A 246 13.01 7.04 -11.26
C ALA A 246 12.24 7.24 -9.95
N MET A 247 10.90 7.09 -9.98
CA MET A 247 10.04 7.28 -8.81
C MET A 247 10.48 6.32 -7.69
N LEU A 248 10.74 5.05 -8.05
CA LEU A 248 11.18 4.03 -7.08
C LEU A 248 12.58 4.27 -6.61
N VAL A 249 13.49 4.67 -7.53
CA VAL A 249 14.86 4.98 -7.09
C VAL A 249 14.83 6.02 -5.99
N GLU A 250 14.03 7.08 -6.18
CA GLU A 250 13.96 8.18 -5.24
C GLU A 250 13.36 7.72 -3.91
N ILE A 251 12.25 6.98 -3.96
CA ILE A 251 11.59 6.50 -2.73
C ILE A 251 12.51 5.56 -1.96
N ILE A 252 13.03 4.52 -2.62
CA ILE A 252 13.87 3.50 -1.97
C ILE A 252 15.17 4.10 -1.43
N SER A 253 15.83 5.00 -2.19
CA SER A 253 17.09 5.66 -1.74
C SER A 253 16.88 6.41 -0.42
N ASP A 254 15.71 7.04 -0.24
CA ASP A 254 15.40 7.73 1.01
C ASP A 254 15.01 6.70 2.11
N GLN A 255 14.13 5.76 1.77
CA GLN A 255 13.55 4.81 2.72
C GLN A 255 14.49 3.74 3.25
N LEU A 256 15.30 3.15 2.39
CA LEU A 256 16.19 2.05 2.74
C LEU A 256 17.08 2.37 3.97
N PRO A 257 17.91 3.45 3.99
CA PRO A 257 18.71 3.71 5.21
C PRO A 257 17.87 4.05 6.44
N LYS A 258 16.65 4.61 6.26
CA LYS A 258 15.76 4.93 7.39
C LYS A 258 15.19 3.67 8.00
N VAL A 259 14.70 2.75 7.16
CA VAL A 259 14.15 1.47 7.61
C VAL A 259 15.24 0.59 8.26
N GLU A 260 16.41 0.47 7.61
CA GLU A 260 17.46 -0.41 8.12
C GLU A 260 18.13 0.12 9.39
N SER A 261 18.09 1.44 9.62
CA SER A 261 18.67 2.01 10.83
C SER A 261 17.66 2.04 12.00
N GLY A 262 16.44 1.54 11.78
CA GLY A 262 15.38 1.51 12.78
C GLY A 262 14.70 2.85 13.03
N ASN A 263 14.80 3.79 12.07
CA ASN A 263 14.15 5.08 12.25
C ASN A 263 12.63 5.01 11.99
N ALA A 264 12.14 3.89 11.45
CA ALA A 264 10.72 3.72 11.18
C ALA A 264 9.96 3.25 12.42
N LYS A 265 8.74 3.75 12.55
CA LYS A 265 7.88 3.38 13.65
C LYS A 265 6.52 2.93 13.12
N PRO A 266 6.30 1.60 12.98
CA PRO A 266 4.97 1.12 12.59
C PRO A 266 3.97 1.34 13.72
N LEU A 267 2.82 1.87 13.36
CA LEU A 267 1.74 2.15 14.30
C LEU A 267 0.79 0.98 14.26
N TYR A 268 0.64 0.30 15.40
CA TYR A 268 -0.24 -0.85 15.55
C TYR A 268 -1.47 -0.45 16.32
N PHE A 269 -2.62 -1.01 15.95
CA PHE A 269 -3.84 -0.82 16.72
C PHE A 269 -3.71 -1.65 18.00
N HIS A 270 -3.18 -2.86 17.85
CA HIS A 270 -3.05 -3.87 18.92
C HIS A 270 -1.67 -4.40 18.99
N ARG A 271 -0.90 -3.91 19.95
CA ARG A 271 0.49 -4.28 20.19
C ARG A 271 0.70 -5.81 20.27
N LYS A 272 1.73 -6.30 19.54
CA LYS A 272 2.21 -7.69 19.48
C LYS A 272 1.12 -8.70 19.08
N LYS B 1 14.31 20.26 -6.45
CA LYS B 1 13.09 19.55 -6.03
C LYS B 1 13.07 18.08 -6.49
N SER B 2 12.76 17.16 -5.56
CA SER B 2 12.61 15.73 -5.83
C SER B 2 11.30 15.49 -6.61
N LEU B 3 11.15 14.29 -7.20
CA LEU B 3 9.94 13.92 -7.95
C LEU B 3 8.70 14.03 -7.10
N LEU B 4 8.78 13.59 -5.82
N LEU B 4 8.78 13.59 -5.82
CA LEU B 4 7.65 13.67 -4.89
CA LEU B 4 7.67 13.65 -4.87
C LEU B 4 7.27 15.11 -4.56
C LEU B 4 7.28 15.11 -4.57
N GLN B 5 8.27 15.99 -4.33
CA GLN B 5 8.05 17.43 -4.04
C GLN B 5 7.35 18.11 -5.23
N GLN B 6 7.85 17.86 -6.46
CA GLN B 6 7.29 18.39 -7.70
C GLN B 6 5.84 17.96 -7.86
N LEU B 7 5.55 16.65 -7.67
CA LEU B 7 4.19 16.14 -7.80
C LEU B 7 3.26 16.67 -6.73
N LEU B 8 3.74 16.79 -5.48
CA LEU B 8 2.91 17.29 -4.38
C LEU B 8 2.65 18.80 -4.44
N THR B 9 3.57 19.57 -5.06
CA THR B 9 3.42 21.04 -5.11
C THR B 9 2.87 21.58 -6.45
N GLU B 10 2.95 20.82 -7.56
CA GLU B 10 2.44 21.29 -8.86
C GLU B 10 0.94 21.59 -8.83
#